data_5SUX
#
_entry.id   5SUX
#
_cell.length_a   40.520
_cell.length_b   80.960
_cell.length_c   84.490
_cell.angle_alpha   90.00
_cell.angle_beta   90.00
_cell.angle_gamma   90.00
#
_symmetry.space_group_name_H-M   'P 21 21 21'
#
loop_
_entity.id
_entity.type
_entity.pdbx_description
1 polymer 'AraC family transcriptional regulator'
2 non-polymer '(3E)-4-(8-methylnaphthalen-1-yl)but-3-enoic acid'
3 non-polymer '2-(N-MORPHOLINO)-ETHANESULFONIC ACID'
4 water water
#
_entity_poly.entity_id   1
_entity_poly.type   'polypeptide(L)'
_entity_poly.pdbx_seq_one_letter_code
;MIGKKSFQTNVYRMSKFDTYIFNNLYINDYKMFWIDSGIAKLIDKNCLVSYEINSSSIILLKKNSIQRFSLTSLSDENIN
VSVITISDSFIRSLKSYILGDLMIRNLYSENKDLLLWNCEHNDIAVLSEVVNGFREINYSDEFLKVFFSGFFSKVEKKYN
SIFITDDLDAMEKISCLVKSDITRNWRWADICGELRTNRMILKKELESRGVKFRELINSIRISYSISLMKTGEFKIKQIA
YQSGFASVSYFSTVFKSTMNVAPSEYLFMLTGVAEK
;
_entity_poly.pdbx_strand_id   A
#
loop_
_chem_comp.id
_chem_comp.type
_chem_comp.name
_chem_comp.formula
70H non-polymer '(3E)-4-(8-methylnaphthalen-1-yl)but-3-enoic acid' 'C15 H14 O2'
MES non-polymer '2-(N-MORPHOLINO)-ETHANESULFONIC ACID' 'C6 H13 N O4 S'
#
# COMPACT_ATOMS: atom_id res chain seq x y z
N LYS A 5 3.46 -2.68 -16.89
CA LYS A 5 2.45 -1.63 -16.83
C LYS A 5 1.44 -1.91 -15.71
N SER A 6 1.32 -3.18 -15.34
CA SER A 6 0.41 -3.61 -14.28
C SER A 6 1.04 -3.57 -12.90
N PHE A 7 2.36 -3.42 -12.81
CA PHE A 7 3.06 -3.46 -11.54
C PHE A 7 4.08 -2.33 -11.48
N GLN A 8 4.21 -1.73 -10.30
CA GLN A 8 5.27 -0.78 -10.01
C GLN A 8 6.11 -1.35 -8.87
N THR A 9 7.43 -1.39 -9.05
CA THR A 9 8.31 -2.12 -8.16
C THR A 9 9.48 -1.27 -7.72
N ASN A 10 9.94 -1.51 -6.49
CA ASN A 10 11.10 -0.84 -5.93
C ASN A 10 11.81 -1.81 -4.99
N VAL A 11 13.12 -1.61 -4.85
CA VAL A 11 13.95 -2.39 -3.94
C VAL A 11 14.71 -1.44 -3.04
N TYR A 12 14.61 -1.66 -1.72
CA TYR A 12 15.22 -0.78 -0.73
C TYR A 12 16.23 -1.58 0.10
N ARG A 13 17.30 -0.92 0.52
CA ARG A 13 18.35 -1.56 1.29
C ARG A 13 18.19 -1.28 2.78
N MET A 14 18.41 -2.31 3.59
CA MET A 14 18.42 -2.22 5.05
C MET A 14 19.78 -2.72 5.52
N SER A 15 20.48 -1.88 6.29
CA SER A 15 21.70 -2.33 6.93
C SER A 15 21.39 -2.83 8.34
N LYS A 16 22.44 -3.21 9.06
CA LYS A 16 22.31 -3.81 10.38
C LYS A 16 21.48 -2.93 11.31
N PHE A 17 20.41 -3.50 11.86
CA PHE A 17 19.50 -2.82 12.78
C PHE A 17 18.91 -1.53 12.21
N ASP A 18 18.92 -1.35 10.89
CA ASP A 18 18.18 -0.23 10.32
C ASP A 18 16.69 -0.43 10.56
N THR A 19 15.95 0.68 10.57
CA THR A 19 14.52 0.61 10.81
C THR A 19 13.79 1.59 9.90
N TYR A 20 12.80 1.08 9.18
CA TYR A 20 11.83 1.92 8.49
C TYR A 20 10.57 2.02 9.35
N ILE A 21 10.06 3.24 9.48
CA ILE A 21 8.91 3.52 10.36
C ILE A 21 7.89 4.32 9.57
N PHE A 22 6.66 3.82 9.52
CA PHE A 22 5.59 4.45 8.76
C PHE A 22 4.44 4.77 9.70
N ASN A 23 3.92 5.99 9.58
CA ASN A 23 2.83 6.48 10.42
C ASN A 23 1.81 7.17 9.52
N ASN A 24 0.56 6.70 9.58
CA ASN A 24 -0.52 7.22 8.74
C ASN A 24 -0.16 7.12 7.26
N LEU A 25 0.46 6.01 6.88
CA LEU A 25 0.78 5.75 5.48
C LEU A 25 -0.46 5.28 4.76
N TYR A 26 -1.01 6.11 3.88
CA TYR A 26 -2.17 5.75 3.09
C TYR A 26 -1.75 4.82 1.96
N ILE A 27 -2.45 3.70 1.82
CA ILE A 27 -2.15 2.70 0.80
C ILE A 27 -3.06 2.99 -0.39
N ASN A 28 -2.49 3.57 -1.45
CA ASN A 28 -3.28 4.00 -2.60
C ASN A 28 -3.56 2.89 -3.58
N ASP A 29 -2.80 1.80 -3.53
CA ASP A 29 -3.02 0.62 -4.36
C ASP A 29 -2.50 -0.58 -3.59
N TYR A 30 -3.02 -1.76 -3.93
CA TYR A 30 -2.59 -2.98 -3.25
C TYR A 30 -1.08 -3.15 -3.37
N LYS A 31 -0.44 -3.45 -2.24
CA LYS A 31 1.00 -3.59 -2.16
C LYS A 31 1.35 -4.90 -1.48
N MET A 32 2.53 -5.41 -1.80
CA MET A 32 3.11 -6.53 -1.08
C MET A 32 4.61 -6.34 -1.02
N PHE A 33 5.22 -6.80 0.07
CA PHE A 33 6.67 -6.69 0.22
C PHE A 33 7.22 -7.90 0.96
N TRP A 34 8.53 -8.10 0.80
CA TRP A 34 9.25 -9.19 1.41
C TRP A 34 10.73 -8.85 1.42
N ILE A 35 11.48 -9.54 2.27
CA ILE A 35 12.93 -9.38 2.33
C ILE A 35 13.57 -10.52 1.55
N ASP A 36 14.75 -10.26 1.00
CA ASP A 36 15.43 -11.24 0.16
C ASP A 36 16.30 -12.21 0.96
N SER A 37 16.66 -11.86 2.18
CA SER A 37 17.51 -12.71 3.02
C SER A 37 17.41 -12.24 4.46
N GLY A 38 17.93 -13.06 5.36
CA GLY A 38 18.00 -12.68 6.76
C GLY A 38 16.65 -12.68 7.45
N ILE A 39 16.62 -11.97 8.58
CA ILE A 39 15.45 -11.89 9.45
C ILE A 39 15.17 -10.42 9.76
N ALA A 40 13.89 -10.07 9.80
CA ALA A 40 13.47 -8.72 10.14
C ALA A 40 12.32 -8.78 11.14
N LYS A 41 12.24 -7.76 11.99
CA LYS A 41 11.15 -7.64 12.96
C LYS A 41 10.13 -6.64 12.43
N LEU A 42 8.89 -7.09 12.31
CA LEU A 42 7.78 -6.25 11.87
C LEU A 42 6.88 -5.97 13.06
N ILE A 43 6.73 -4.69 13.40
CA ILE A 43 5.90 -4.25 14.51
C ILE A 43 4.70 -3.53 13.93
N ASP A 44 3.51 -4.12 14.08
CA ASP A 44 2.27 -3.53 13.57
C ASP A 44 1.56 -2.84 14.72
N LYS A 45 1.54 -1.51 14.69
CA LYS A 45 0.94 -0.72 15.77
C LYS A 45 -0.57 -0.63 15.67
N ASN A 46 -1.15 -0.97 14.51
CA ASN A 46 -2.60 -1.03 14.42
C ASN A 46 -3.13 -2.26 15.15
N CYS A 47 -2.54 -3.43 14.88
CA CYS A 47 -2.96 -4.67 15.53
C CYS A 47 -2.22 -4.95 16.83
N LEU A 48 -1.28 -4.08 17.22
CA LEU A 48 -0.56 -4.20 18.49
C LEU A 48 0.19 -5.53 18.59
N VAL A 49 0.75 -5.98 17.46
CA VAL A 49 1.50 -7.23 17.42
C VAL A 49 2.87 -6.96 16.81
N SER A 50 3.81 -7.85 17.12
CA SER A 50 5.12 -7.84 16.52
C SER A 50 5.54 -9.28 16.24
N TYR A 51 6.26 -9.47 15.15
CA TYR A 51 6.72 -10.81 14.78
C TYR A 51 7.88 -10.69 13.81
N GLU A 52 8.61 -11.80 13.68
CA GLU A 52 9.77 -11.87 12.82
C GLU A 52 9.39 -12.47 11.47
N ILE A 53 9.95 -11.92 10.41
CA ILE A 53 9.71 -12.39 9.05
C ILE A 53 11.03 -12.85 8.46
N ASN A 54 10.94 -13.78 7.51
CA ASN A 54 12.12 -14.27 6.80
C ASN A 54 11.96 -14.08 5.30
N SER A 55 12.87 -14.65 4.52
CA SER A 55 12.84 -14.49 3.07
C SER A 55 11.68 -15.22 2.40
N SER A 56 10.86 -15.95 3.16
CA SER A 56 9.65 -16.57 2.62
C SER A 56 8.38 -15.89 3.07
N SER A 57 8.48 -14.84 3.89
CA SER A 57 7.31 -14.14 4.42
C SER A 57 6.91 -13.04 3.44
N ILE A 58 5.67 -13.12 2.93
CA ILE A 58 5.11 -12.11 2.06
C ILE A 58 4.09 -11.32 2.86
N ILE A 59 4.25 -9.99 2.91
CA ILE A 59 3.38 -9.11 3.67
C ILE A 59 2.49 -8.37 2.69
N LEU A 60 1.17 -8.47 2.87
CA LEU A 60 0.19 -7.84 2.00
C LEU A 60 -0.40 -6.62 2.70
N LEU A 61 -0.52 -5.51 1.97
CA LEU A 61 -1.09 -4.28 2.48
C LEU A 61 -2.35 -3.93 1.68
N LYS A 62 -3.46 -3.76 2.39
CA LYS A 62 -4.76 -3.61 1.75
C LYS A 62 -4.95 -2.19 1.22
N LYS A 63 -5.53 -2.10 0.03
CA LYS A 63 -5.82 -0.80 -0.57
C LYS A 63 -6.76 -0.01 0.33
N ASN A 64 -6.51 1.30 0.43
CA ASN A 64 -7.26 2.26 1.23
C ASN A 64 -7.09 2.07 2.72
N SER A 65 -6.11 1.29 3.16
CA SER A 65 -5.82 1.21 4.57
C SER A 65 -4.85 2.32 4.97
N ILE A 66 -4.82 2.60 6.26
CA ILE A 66 -3.89 3.57 6.85
C ILE A 66 -2.96 2.78 7.76
N GLN A 67 -1.69 2.71 7.37
CA GLN A 67 -0.73 1.80 8.01
C GLN A 67 0.11 2.53 9.05
N ARG A 68 0.40 1.81 10.15
CA ARG A 68 1.29 2.30 11.20
C ARG A 68 2.15 1.10 11.63
N PHE A 69 3.35 1.00 11.08
CA PHE A 69 4.20 -0.14 11.41
C PHE A 69 5.66 0.23 11.20
N SER A 70 6.53 -0.59 11.78
CA SER A 70 7.98 -0.45 11.63
C SER A 70 8.56 -1.79 11.20
N LEU A 71 9.69 -1.73 10.47
CA LEU A 71 10.39 -2.91 10.01
C LEU A 71 11.87 -2.73 10.33
N THR A 72 12.43 -3.68 11.09
CA THR A 72 13.79 -3.58 11.59
C THR A 72 14.59 -4.80 11.18
N SER A 73 15.79 -4.56 10.64
CA SER A 73 16.68 -5.66 10.29
C SER A 73 17.29 -6.29 11.54
N LEU A 74 17.30 -7.63 11.57
CA LEU A 74 17.94 -8.38 12.64
C LEU A 74 19.11 -9.21 12.12
N SER A 75 19.70 -8.80 10.99
CA SER A 75 20.73 -9.60 10.31
C SER A 75 21.96 -8.76 10.08
N ASP A 76 23.12 -9.43 10.09
CA ASP A 76 24.38 -8.74 9.86
C ASP A 76 24.56 -8.38 8.39
N GLU A 77 24.14 -9.26 7.48
CA GLU A 77 24.24 -8.99 6.06
C GLU A 77 23.14 -8.04 5.62
N ASN A 78 23.48 -7.18 4.64
CA ASN A 78 22.51 -6.22 4.13
C ASN A 78 21.28 -6.91 3.57
N ILE A 79 20.12 -6.37 3.89
CA ILE A 79 18.83 -6.92 3.47
C ILE A 79 18.23 -6.02 2.40
N ASN A 80 17.69 -6.63 1.36
CA ASN A 80 16.94 -5.92 0.33
C ASN A 80 15.46 -6.17 0.52
N VAL A 81 14.69 -5.09 0.64
CA VAL A 81 13.24 -5.15 0.76
C VAL A 81 12.65 -4.81 -0.61
N SER A 82 11.87 -5.75 -1.16
CA SER A 82 11.22 -5.55 -2.45
C SER A 82 9.76 -5.17 -2.22
N VAL A 83 9.29 -4.12 -2.87
CA VAL A 83 7.92 -3.65 -2.75
C VAL A 83 7.29 -3.63 -4.13
N ILE A 84 6.14 -4.29 -4.28
CA ILE A 84 5.38 -4.31 -5.51
C ILE A 84 4.08 -3.55 -5.27
N THR A 85 3.77 -2.61 -6.16
CA THR A 85 2.49 -1.92 -6.16
C THR A 85 1.70 -2.37 -7.38
N ILE A 86 0.49 -2.86 -7.16
CA ILE A 86 -0.33 -3.46 -8.20
C ILE A 86 -1.36 -2.45 -8.67
N SER A 87 -1.39 -2.20 -9.98
CA SER A 87 -2.30 -1.21 -10.54
C SER A 87 -3.75 -1.66 -10.39
N ASP A 88 -4.65 -0.68 -10.28
CA ASP A 88 -6.07 -0.98 -10.13
C ASP A 88 -6.62 -1.68 -11.36
N SER A 89 -6.08 -1.38 -12.54
CA SER A 89 -6.55 -2.04 -13.76
C SER A 89 -6.25 -3.54 -13.71
N PHE A 90 -5.06 -3.92 -13.21
CA PHE A 90 -4.75 -5.34 -13.07
C PHE A 90 -5.64 -5.99 -12.03
N ILE A 91 -5.89 -5.29 -10.92
CA ILE A 91 -6.72 -5.85 -9.84
C ILE A 91 -8.12 -6.15 -10.36
N ARG A 92 -8.66 -5.30 -11.23
CA ARG A 92 -10.01 -5.51 -11.73
C ARG A 92 -10.06 -6.63 -12.76
N SER A 93 -8.98 -6.85 -13.50
CA SER A 93 -8.91 -8.02 -14.37
C SER A 93 -8.88 -9.33 -13.58
N LEU A 94 -8.71 -9.25 -12.26
CA LEU A 94 -8.78 -10.42 -11.40
C LEU A 94 -10.19 -10.72 -10.89
N LYS A 95 -11.11 -9.74 -10.97
CA LYS A 95 -12.42 -9.85 -10.34
C LYS A 95 -13.26 -11.00 -10.87
N SER A 96 -12.86 -11.63 -11.98
CA SER A 96 -13.57 -12.79 -12.49
C SER A 96 -13.03 -14.10 -11.91
N TYR A 97 -11.76 -14.12 -11.51
CA TYR A 97 -11.19 -15.30 -10.89
C TYR A 97 -11.59 -15.39 -9.42
N ILE A 98 -11.17 -14.40 -8.62
CA ILE A 98 -11.84 -14.18 -7.35
C ILE A 98 -13.28 -13.78 -7.65
N LEU A 99 -14.15 -13.92 -6.64
CA LEU A 99 -15.59 -13.69 -6.76
C LEU A 99 -16.25 -14.80 -7.59
N GLY A 100 -15.44 -15.60 -8.27
CA GLY A 100 -15.93 -16.84 -8.86
C GLY A 100 -16.35 -17.85 -7.83
N ASP A 101 -15.88 -17.69 -6.60
CA ASP A 101 -16.35 -18.41 -5.40
C ASP A 101 -16.80 -17.33 -4.42
N LEU A 102 -18.01 -16.80 -4.61
CA LEU A 102 -18.35 -15.55 -3.95
C LEU A 102 -19.13 -15.74 -2.66
N MET A 103 -20.11 -16.64 -2.61
CA MET A 103 -20.85 -16.79 -1.38
C MET A 103 -20.10 -17.59 -0.31
N ILE A 104 -18.95 -18.18 -0.66
CA ILE A 104 -18.02 -18.61 0.38
C ILE A 104 -17.22 -17.40 0.87
N ARG A 105 -16.99 -16.42 0.01
CA ARG A 105 -16.35 -15.16 0.36
C ARG A 105 -17.26 -14.24 1.16
N ASN A 106 -18.57 -14.54 1.21
CA ASN A 106 -19.49 -13.71 1.98
C ASN A 106 -19.31 -13.93 3.48
N LEU A 107 -18.84 -15.10 3.90
CA LEU A 107 -18.63 -15.38 5.31
C LEU A 107 -17.34 -14.79 5.86
N TYR A 108 -16.60 -14.05 5.05
CA TYR A 108 -15.35 -13.46 5.51
C TYR A 108 -15.61 -12.14 6.24
N SER A 109 -14.61 -11.69 7.00
CA SER A 109 -14.63 -10.41 7.67
C SER A 109 -13.88 -9.38 6.83
N GLU A 110 -13.65 -8.19 7.40
CA GLU A 110 -12.94 -7.14 6.68
C GLU A 110 -12.07 -6.29 7.61
N ASN A 111 -11.62 -6.86 8.72
CA ASN A 111 -10.83 -6.08 9.68
C ASN A 111 -9.37 -5.97 9.25
N LYS A 112 -8.81 -7.06 8.72
CA LYS A 112 -7.37 -7.14 8.50
C LYS A 112 -6.96 -6.37 7.26
N ASP A 113 -6.00 -5.47 7.43
CA ASP A 113 -5.42 -4.72 6.32
C ASP A 113 -3.92 -4.96 6.16
N LEU A 114 -3.31 -5.76 7.03
CA LEU A 114 -1.92 -6.19 6.88
C LEU A 114 -1.91 -7.70 7.07
N LEU A 115 -1.59 -8.44 6.00
CA LEU A 115 -1.66 -9.89 6.00
C LEU A 115 -0.27 -10.48 5.77
N LEU A 116 -0.08 -11.70 6.29
CA LEU A 116 1.18 -12.42 6.19
C LEU A 116 0.93 -13.76 5.51
N TRP A 117 1.80 -14.12 4.56
CA TRP A 117 1.74 -15.42 3.91
C TRP A 117 3.14 -15.99 3.83
N ASN A 118 3.33 -17.18 4.39
CA ASN A 118 4.58 -17.93 4.26
C ASN A 118 4.47 -18.80 3.00
N CYS A 119 5.26 -18.47 1.98
CA CYS A 119 5.15 -19.10 0.68
C CYS A 119 6.32 -20.03 0.43
N GLU A 120 6.28 -20.71 -0.71
CA GLU A 120 7.33 -21.60 -1.16
C GLU A 120 8.23 -20.86 -2.16
N HIS A 121 9.23 -21.58 -2.68
CA HIS A 121 10.26 -20.95 -3.49
C HIS A 121 9.69 -20.42 -4.82
N ASN A 122 8.73 -21.14 -5.39
CA ASN A 122 8.21 -20.73 -6.70
C ASN A 122 7.44 -19.42 -6.63
N ASP A 123 6.73 -19.17 -5.52
CA ASP A 123 6.09 -17.88 -5.33
C ASP A 123 7.12 -16.75 -5.32
N ILE A 124 8.22 -16.96 -4.59
CA ILE A 124 9.27 -15.95 -4.52
C ILE A 124 9.87 -15.72 -5.90
N ALA A 125 10.03 -16.79 -6.69
CA ALA A 125 10.60 -16.66 -8.02
C ALA A 125 9.72 -15.79 -8.92
N VAL A 126 8.41 -16.07 -8.93
CA VAL A 126 7.49 -15.29 -9.75
C VAL A 126 7.49 -13.83 -9.30
N LEU A 127 7.39 -13.60 -7.99
CA LEU A 127 7.36 -12.23 -7.48
C LEU A 127 8.68 -11.51 -7.72
N SER A 128 9.80 -12.23 -7.65
CA SER A 128 11.09 -11.61 -7.88
C SER A 128 11.23 -11.17 -9.33
N GLU A 129 10.76 -12.00 -10.28
CA GLU A 129 10.81 -11.61 -11.68
C GLU A 129 9.89 -10.43 -11.96
N VAL A 130 8.79 -10.30 -11.21
CA VAL A 130 7.96 -9.11 -11.32
C VAL A 130 8.75 -7.87 -10.94
N VAL A 131 9.53 -7.95 -9.86
CA VAL A 131 10.34 -6.82 -9.44
C VAL A 131 11.46 -6.55 -10.43
N ASN A 132 11.90 -7.58 -11.14
CA ASN A 132 12.94 -7.43 -12.16
C ASN A 132 12.40 -6.84 -13.47
N GLY A 133 11.13 -6.46 -13.51
CA GLY A 133 10.57 -5.87 -14.71
C GLY A 133 10.34 -6.84 -15.85
N PHE A 134 10.22 -8.13 -15.56
CA PHE A 134 9.97 -9.15 -16.58
C PHE A 134 11.04 -9.14 -17.66
N ARG A 135 12.30 -9.15 -17.23
CA ARG A 135 13.41 -9.11 -18.19
C ARG A 135 14.00 -10.46 -18.54
N GLU A 136 13.61 -11.56 -17.86
CA GLU A 136 14.20 -12.86 -18.13
C GLU A 136 13.10 -13.85 -18.51
N ILE A 137 12.44 -14.55 -17.58
CA ILE A 137 11.21 -15.25 -17.94
C ILE A 137 10.10 -14.18 -17.95
N ASN A 138 9.71 -13.77 -19.14
CA ASN A 138 8.49 -12.98 -19.28
C ASN A 138 7.27 -13.87 -19.03
N TYR A 139 6.18 -13.26 -18.56
CA TYR A 139 4.95 -13.98 -18.25
C TYR A 139 3.80 -13.46 -19.09
N SER A 140 2.83 -14.33 -19.36
CA SER A 140 1.62 -13.92 -20.05
C SER A 140 0.65 -13.28 -19.08
N ASP A 141 -0.32 -12.56 -19.64
CA ASP A 141 -1.38 -12.00 -18.80
C ASP A 141 -2.21 -13.09 -18.14
N GLU A 142 -2.39 -14.24 -18.80
CA GLU A 142 -3.15 -15.33 -18.20
C GLU A 142 -2.42 -15.93 -17.01
N PHE A 143 -1.11 -16.16 -17.14
CA PHE A 143 -0.35 -16.73 -16.05
C PHE A 143 -0.39 -15.82 -14.81
N LEU A 144 -0.21 -14.52 -15.01
CA LEU A 144 -0.16 -13.60 -13.89
C LEU A 144 -1.52 -13.44 -13.22
N LYS A 145 -2.60 -13.41 -14.02
CA LYS A 145 -3.93 -13.35 -13.46
C LYS A 145 -4.21 -14.59 -12.59
N VAL A 146 -3.86 -15.77 -13.10
CA VAL A 146 -4.09 -17.00 -12.34
C VAL A 146 -3.21 -17.02 -11.10
N PHE A 147 -1.94 -16.62 -11.23
CA PHE A 147 -1.03 -16.64 -10.10
C PHE A 147 -1.50 -15.71 -8.99
N PHE A 148 -1.76 -14.44 -9.34
CA PHE A 148 -2.09 -13.45 -8.32
C PHE A 148 -3.48 -13.67 -7.73
N SER A 149 -4.45 -14.06 -8.56
CA SER A 149 -5.78 -14.34 -8.03
C SER A 149 -5.75 -15.53 -7.10
N GLY A 150 -4.99 -16.57 -7.45
CA GLY A 150 -4.83 -17.70 -6.55
C GLY A 150 -4.10 -17.32 -5.27
N PHE A 151 -3.15 -16.39 -5.37
CA PHE A 151 -2.43 -15.93 -4.20
C PHE A 151 -3.34 -15.19 -3.23
N PHE A 152 -4.12 -14.24 -3.74
CA PHE A 152 -5.04 -13.49 -2.89
C PHE A 152 -6.11 -14.40 -2.29
N SER A 153 -6.58 -15.38 -3.06
CA SER A 153 -7.64 -16.26 -2.58
C SER A 153 -7.19 -17.04 -1.36
N LYS A 154 -5.98 -17.62 -1.41
CA LYS A 154 -5.53 -18.47 -0.31
C LYS A 154 -5.11 -17.65 0.91
N VAL A 155 -4.71 -16.39 0.71
CA VAL A 155 -4.43 -15.52 1.86
C VAL A 155 -5.74 -15.06 2.50
N GLU A 156 -6.75 -14.76 1.67
CA GLU A 156 -8.06 -14.43 2.20
C GLU A 156 -8.65 -15.59 2.97
N LYS A 157 -8.56 -16.80 2.41
CA LYS A 157 -9.04 -18.00 3.10
C LYS A 157 -8.34 -18.18 4.44
N LYS A 158 -7.02 -17.94 4.47
CA LYS A 158 -6.25 -18.12 5.70
C LYS A 158 -6.78 -17.23 6.82
N TYR A 159 -7.01 -15.95 6.53
CA TYR A 159 -7.46 -15.01 7.53
C TYR A 159 -8.98 -14.89 7.60
N ASN A 160 -9.72 -15.58 6.73
CA ASN A 160 -11.18 -15.51 6.70
C ASN A 160 -11.64 -14.06 6.58
N SER A 161 -10.94 -13.27 5.77
CA SER A 161 -11.21 -11.85 5.65
C SER A 161 -11.08 -11.41 4.21
N ILE A 162 -11.84 -10.38 3.85
CA ILE A 162 -11.81 -9.81 2.51
C ILE A 162 -10.56 -8.96 2.35
N PHE A 163 -9.78 -9.25 1.31
CA PHE A 163 -8.63 -8.43 0.94
C PHE A 163 -8.91 -7.56 -0.26
N ILE A 164 -9.40 -8.15 -1.35
CA ILE A 164 -9.83 -7.41 -2.53
C ILE A 164 -11.20 -6.82 -2.21
N THR A 165 -11.25 -5.53 -1.89
CA THR A 165 -12.48 -4.88 -1.50
C THR A 165 -13.29 -4.46 -2.72
N ASP A 166 -14.56 -4.12 -2.48
CA ASP A 166 -15.50 -3.83 -3.56
C ASP A 166 -15.45 -2.35 -3.93
N ASP A 167 -16.00 -2.06 -5.11
CA ASP A 167 -15.92 -0.71 -5.66
C ASP A 167 -16.87 0.26 -4.98
N LEU A 168 -17.98 -0.23 -4.42
CA LEU A 168 -18.96 0.63 -3.78
C LEU A 168 -18.71 0.80 -2.28
N ASP A 169 -17.57 0.35 -1.79
CA ASP A 169 -17.23 0.57 -0.38
C ASP A 169 -16.95 2.06 -0.14
N ALA A 170 -17.35 2.55 1.03
CA ALA A 170 -17.38 3.98 1.27
C ALA A 170 -15.99 4.61 1.19
N MET A 171 -14.98 3.97 1.78
CA MET A 171 -13.64 4.56 1.76
C MET A 171 -13.05 4.57 0.36
N GLU A 172 -13.41 3.60 -0.48
CA GLU A 172 -12.96 3.63 -1.87
C GLU A 172 -13.56 4.82 -2.61
N LYS A 173 -14.84 5.14 -2.36
CA LYS A 173 -15.46 6.29 -2.99
C LYS A 173 -14.80 7.59 -2.55
N ILE A 174 -14.49 7.71 -1.26
CA ILE A 174 -13.82 8.90 -0.75
C ILE A 174 -12.43 9.04 -1.37
N SER A 175 -11.69 7.92 -1.43
CA SER A 175 -10.32 7.96 -1.93
C SER A 175 -10.29 8.34 -3.40
N CYS A 176 -11.08 7.67 -4.23
CA CYS A 176 -11.11 7.98 -5.67
C CYS A 176 -11.51 9.41 -5.92
N LEU A 177 -12.41 9.95 -5.10
CA LEU A 177 -12.84 11.34 -5.26
C LEU A 177 -11.69 12.31 -5.00
N VAL A 178 -10.97 12.11 -3.89
CA VAL A 178 -9.87 13.00 -3.55
C VAL A 178 -8.74 12.87 -4.58
N LYS A 179 -8.45 11.65 -5.01
CA LYS A 179 -7.38 11.44 -5.98
C LYS A 179 -7.71 12.01 -7.36
N SER A 180 -8.99 12.18 -7.68
CA SER A 180 -9.39 12.70 -8.98
C SER A 180 -9.26 14.22 -9.07
N ASP A 181 -9.02 14.90 -7.95
CA ASP A 181 -8.84 16.35 -7.92
C ASP A 181 -8.00 16.66 -6.67
N ILE A 182 -6.71 16.31 -6.75
CA ILE A 182 -5.85 16.30 -5.56
C ILE A 182 -5.62 17.70 -5.01
N THR A 183 -5.68 18.72 -5.86
CA THR A 183 -5.42 20.08 -5.43
C THR A 183 -6.66 20.81 -4.94
N ARG A 184 -7.84 20.21 -5.07
CA ARG A 184 -9.06 20.83 -4.56
C ARG A 184 -8.95 21.01 -3.05
N ASN A 185 -9.51 22.12 -2.55
CA ASN A 185 -9.48 22.42 -1.12
C ASN A 185 -10.60 21.62 -0.45
N TRP A 186 -10.30 20.34 -0.19
CA TRP A 186 -11.31 19.41 0.30
C TRP A 186 -11.74 19.76 1.72
N ARG A 187 -13.05 19.70 1.95
CA ARG A 187 -13.62 19.79 3.29
C ARG A 187 -14.71 18.73 3.41
N TRP A 188 -15.19 18.53 4.64
CA TRP A 188 -16.24 17.55 4.90
C TRP A 188 -17.47 17.78 4.02
N ALA A 189 -17.84 19.06 3.85
CA ALA A 189 -19.04 19.37 3.06
C ALA A 189 -18.87 18.94 1.61
N ASP A 190 -17.65 19.05 1.07
CA ASP A 190 -17.41 18.60 -0.30
C ASP A 190 -17.62 17.10 -0.44
N ILE A 191 -17.14 16.32 0.53
CA ILE A 191 -17.27 14.87 0.47
C ILE A 191 -18.73 14.46 0.58
N CYS A 192 -19.47 15.07 1.51
CA CYS A 192 -20.89 14.74 1.67
C CYS A 192 -21.67 15.06 0.41
N GLY A 193 -21.42 16.22 -0.21
CA GLY A 193 -22.18 16.61 -1.38
C GLY A 193 -21.88 15.76 -2.60
N GLU A 194 -20.61 15.39 -2.78
CA GLU A 194 -20.23 14.59 -3.94
C GLU A 194 -20.73 13.16 -3.81
N LEU A 195 -20.69 12.60 -2.60
CA LEU A 195 -21.15 11.24 -2.37
C LEU A 195 -22.62 11.16 -1.99
N ARG A 196 -23.28 12.31 -1.78
CA ARG A 196 -24.70 12.35 -1.38
C ARG A 196 -24.96 11.47 -0.18
N THR A 197 -24.04 11.50 0.78
CA THR A 197 -24.11 10.64 1.96
C THR A 197 -23.91 11.46 3.22
N ASN A 198 -24.64 11.08 4.28
CA ASN A 198 -24.59 11.81 5.53
C ASN A 198 -23.21 11.70 6.17
N ARG A 199 -22.79 12.78 6.85
CA ARG A 199 -21.51 12.77 7.54
C ARG A 199 -21.48 11.77 8.68
N MET A 200 -22.62 11.58 9.35
CA MET A 200 -22.72 10.53 10.35
C MET A 200 -22.33 9.17 9.78
N ILE A 201 -22.55 8.96 8.48
CA ILE A 201 -22.23 7.67 7.90
C ILE A 201 -20.77 7.61 7.45
N LEU A 202 -20.29 8.65 6.76
CA LEU A 202 -18.93 8.61 6.22
C LEU A 202 -17.87 8.68 7.31
N LYS A 203 -18.19 9.30 8.45
CA LYS A 203 -17.20 9.45 9.50
C LYS A 203 -16.73 8.11 10.07
N LYS A 204 -17.54 7.06 9.95
CA LYS A 204 -17.10 5.75 10.44
C LYS A 204 -15.87 5.27 9.69
N GLU A 205 -15.74 5.60 8.40
CA GLU A 205 -14.57 5.18 7.64
C GLU A 205 -13.29 5.80 8.17
N LEU A 206 -13.37 7.03 8.69
CA LEU A 206 -12.19 7.69 9.24
C LEU A 206 -11.89 7.23 10.66
N GLU A 207 -12.94 7.00 11.46
CA GLU A 207 -12.73 6.63 12.86
C GLU A 207 -12.10 5.25 12.98
N SER A 208 -12.61 4.28 12.22
CA SER A 208 -12.05 2.93 12.26
C SER A 208 -10.62 2.88 11.74
N ARG A 209 -10.15 3.94 11.09
CA ARG A 209 -8.77 4.06 10.66
C ARG A 209 -7.97 5.01 11.53
N GLY A 210 -8.59 5.62 12.53
CA GLY A 210 -7.88 6.42 13.51
C GLY A 210 -7.38 7.76 13.01
N VAL A 211 -8.05 8.36 12.04
CA VAL A 211 -7.58 9.62 11.46
C VAL A 211 -8.67 10.67 11.55
N LYS A 212 -8.23 11.92 11.72
CA LYS A 212 -9.08 13.08 11.49
C LYS A 212 -9.11 13.40 10.00
N PHE A 213 -10.01 14.32 9.62
CA PHE A 213 -10.18 14.63 8.20
C PHE A 213 -8.88 15.17 7.59
N ARG A 214 -8.22 16.11 8.27
CA ARG A 214 -7.02 16.70 7.71
C ARG A 214 -5.91 15.66 7.54
N GLU A 215 -5.79 14.75 8.50
CA GLU A 215 -4.78 13.69 8.39
C GLU A 215 -5.12 12.73 7.25
N LEU A 216 -6.41 12.48 7.01
CA LEU A 216 -6.81 11.67 5.87
C LEU A 216 -6.39 12.32 4.57
N ILE A 217 -6.78 13.59 4.37
CA ILE A 217 -6.42 14.30 3.14
C ILE A 217 -4.90 14.37 3.00
N ASN A 218 -4.21 14.72 4.09
CA ASN A 218 -2.75 14.78 4.05
C ASN A 218 -2.15 13.44 3.65
N SER A 219 -2.67 12.34 4.18
CA SER A 219 -2.10 11.03 3.89
C SER A 219 -2.30 10.64 2.44
N ILE A 220 -3.46 10.98 1.87
CA ILE A 220 -3.69 10.72 0.45
C ILE A 220 -2.75 11.57 -0.40
N ARG A 221 -2.52 12.82 -0.01
CA ARG A 221 -1.63 13.67 -0.79
C ARG A 221 -0.18 13.21 -0.70
N ILE A 222 0.23 12.64 0.44
CA ILE A 222 1.60 12.15 0.56
C ILE A 222 1.83 10.96 -0.37
N SER A 223 0.91 9.99 -0.35
CA SER A 223 1.02 8.85 -1.26
C SER A 223 0.92 9.28 -2.72
N TYR A 224 0.19 10.38 -2.99
CA TYR A 224 0.19 10.95 -4.33
C TYR A 224 1.57 11.48 -4.70
N SER A 225 2.22 12.19 -3.78
CA SER A 225 3.56 12.70 -4.03
C SER A 225 4.56 11.55 -4.23
N ILE A 226 4.34 10.43 -3.56
CA ILE A 226 5.24 9.28 -3.72
C ILE A 226 5.10 8.69 -5.11
N SER A 227 3.87 8.58 -5.62
CA SER A 227 3.67 8.14 -6.99
C SER A 227 4.35 9.08 -7.98
N LEU A 228 4.30 10.39 -7.71
CA LEU A 228 4.96 11.36 -8.58
C LEU A 228 6.47 11.14 -8.60
N MET A 229 7.07 10.95 -7.43
CA MET A 229 8.50 10.70 -7.36
C MET A 229 8.88 9.42 -8.09
N LYS A 230 8.01 8.40 -8.02
CA LYS A 230 8.32 7.13 -8.66
C LYS A 230 8.42 7.25 -10.17
N THR A 231 7.74 8.22 -10.77
CA THR A 231 7.81 8.41 -12.22
C THR A 231 9.14 8.99 -12.68
N GLY A 232 10.01 9.37 -11.76
CA GLY A 232 11.23 10.07 -12.10
C GLY A 232 11.16 11.57 -11.93
N GLU A 233 10.03 12.10 -11.47
CA GLU A 233 9.95 13.52 -11.16
C GLU A 233 10.83 13.84 -9.96
N PHE A 234 11.67 14.87 -10.09
CA PHE A 234 12.77 15.10 -9.17
C PHE A 234 12.73 16.44 -8.46
N LYS A 235 11.86 17.36 -8.88
CA LYS A 235 11.82 18.70 -8.28
C LYS A 235 10.84 18.68 -7.11
N ILE A 236 11.38 18.78 -5.89
CA ILE A 236 10.56 18.68 -4.69
C ILE A 236 9.57 19.83 -4.60
N LYS A 237 9.98 21.03 -5.00
CA LYS A 237 9.08 22.19 -4.96
C LYS A 237 7.88 21.96 -5.88
N GLN A 238 8.10 21.36 -7.04
CA GLN A 238 6.99 21.05 -7.94
C GLN A 238 6.10 19.97 -7.35
N ILE A 239 6.72 18.92 -6.77
CA ILE A 239 5.97 17.81 -6.22
C ILE A 239 5.05 18.28 -5.08
N ALA A 240 5.53 19.21 -4.26
CA ALA A 240 4.73 19.70 -3.14
C ALA A 240 3.45 20.38 -3.64
N TYR A 241 3.57 21.26 -4.63
CA TYR A 241 2.39 21.96 -5.14
C TYR A 241 1.54 21.08 -6.03
N GLN A 242 2.16 20.14 -6.77
CA GLN A 242 1.38 19.24 -7.59
C GLN A 242 0.54 18.29 -6.75
N SER A 243 0.96 18.01 -5.51
CA SER A 243 0.23 17.13 -4.62
C SER A 243 -0.85 17.86 -3.81
N GLY A 244 -1.00 19.17 -4.01
CA GLY A 244 -2.08 19.91 -3.37
C GLY A 244 -1.74 20.57 -2.06
N PHE A 245 -0.46 20.62 -1.68
CA PHE A 245 -0.09 21.35 -0.48
C PHE A 245 0.06 22.83 -0.78
N ALA A 246 0.00 23.64 0.27
CA ALA A 246 0.09 25.09 0.14
C ALA A 246 1.51 25.62 0.28
N SER A 247 2.45 24.79 0.74
CA SER A 247 3.83 25.23 0.91
C SER A 247 4.74 24.01 0.89
N VAL A 248 6.00 24.24 0.54
CA VAL A 248 6.99 23.16 0.57
C VAL A 248 7.26 22.74 2.00
N SER A 249 7.26 23.70 2.94
CA SER A 249 7.56 23.39 4.33
C SER A 249 6.53 22.46 4.93
N TYR A 250 5.24 22.73 4.69
CA TYR A 250 4.20 21.87 5.23
C TYR A 250 4.22 20.49 4.58
N PHE A 251 4.48 20.42 3.27
CA PHE A 251 4.61 19.14 2.60
C PHE A 251 5.75 18.32 3.20
N SER A 252 6.90 18.96 3.44
CA SER A 252 8.04 18.24 3.99
C SER A 252 7.80 17.79 5.43
N THR A 253 7.09 18.60 6.22
CA THR A 253 6.77 18.21 7.58
C THR A 253 5.84 17.00 7.60
N VAL A 254 4.80 17.02 6.76
CA VAL A 254 3.87 15.90 6.70
C VAL A 254 4.57 14.66 6.16
N PHE A 255 5.42 14.83 5.14
CA PHE A 255 6.15 13.71 4.56
C PHE A 255 7.06 13.06 5.61
N LYS A 256 7.79 13.87 6.36
CA LYS A 256 8.73 13.34 7.35
C LYS A 256 8.00 12.58 8.45
N SER A 257 6.85 13.11 8.91
CA SER A 257 6.10 12.41 9.94
C SER A 257 5.49 11.11 9.43
N THR A 258 5.26 11.00 8.13
CA THR A 258 4.68 9.80 7.54
C THR A 258 5.73 8.75 7.21
N MET A 259 6.87 9.17 6.64
CA MET A 259 7.85 8.25 6.09
C MET A 259 9.13 8.15 6.92
N ASN A 260 9.33 9.03 7.90
CA ASN A 260 10.53 9.11 8.73
C ASN A 260 11.77 9.53 7.96
N VAL A 261 11.61 9.98 6.72
CA VAL A 261 12.71 10.53 5.93
C VAL A 261 12.22 11.80 5.24
N ALA A 262 13.15 12.69 4.94
CA ALA A 262 12.82 13.89 4.19
C ALA A 262 12.49 13.52 2.74
N PRO A 263 11.64 14.31 2.08
CA PRO A 263 11.27 13.99 0.68
C PRO A 263 12.46 13.79 -0.24
N SER A 264 13.52 14.58 -0.09
CA SER A 264 14.69 14.45 -0.97
C SER A 264 15.44 13.15 -0.69
N GLU A 265 15.45 12.69 0.56
CA GLU A 265 16.12 11.43 0.87
C GLU A 265 15.36 10.24 0.26
N TYR A 266 14.03 10.29 0.28
CA TYR A 266 13.26 9.22 -0.34
C TYR A 266 13.44 9.23 -1.86
N LEU A 267 13.49 10.42 -2.45
CA LEU A 267 13.67 10.53 -3.89
C LEU A 267 14.97 9.88 -4.33
N PHE A 268 16.02 10.00 -3.50
CA PHE A 268 17.28 9.33 -3.81
C PHE A 268 17.20 7.83 -3.56
N MET A 269 16.42 7.41 -2.56
CA MET A 269 16.21 5.98 -2.33
C MET A 269 15.58 5.31 -3.55
N LEU A 270 14.77 6.05 -4.31
CA LEU A 270 14.15 5.50 -5.51
C LEU A 270 15.14 5.32 -6.65
N THR A 271 16.35 5.85 -6.54
CA THR A 271 17.36 5.66 -7.57
C THR A 271 18.42 4.67 -7.10
C10 70H B . 7.12 3.26 0.12
C11 70H B . 5.88 3.89 -0.45
C12 70H B . 5.28 3.04 -1.55
C15 70H B . 9.72 -1.26 3.55
C01 70H B . 5.75 -0.32 2.20
C02 70H B . 7.20 -0.54 2.62
C03 70H B . 8.31 0.36 2.36
C04 70H B . 9.54 -0.03 2.84
C05 70H B . 10.71 0.77 2.65
C06 70H B . 10.64 1.97 1.98
C07 70H B . 9.41 2.39 1.50
C08 70H B . 8.25 1.63 1.66
C09 70H B . 7.01 2.27 1.06
O13 70H B . 4.10 3.22 -1.92
O14 70H B . 5.97 2.14 -2.11
C16 70H B . 8.66 -2.09 3.79
C17 70H B . 7.40 -1.72 3.32
O1 MES C . 2.00 9.26 -11.25
C2 MES C . 1.41 10.51 -10.88
C3 MES C . 0.32 10.34 -9.81
N4 MES C . -0.67 9.40 -10.23
C5 MES C . -0.11 8.14 -10.62
C6 MES C . 1.02 8.30 -11.66
C7 MES C . -1.66 9.19 -9.10
C8 MES C . -1.23 8.05 -8.15
S MES C . -2.44 7.88 -6.81
O1S MES C . -1.88 8.32 -5.47
O2S MES C . -2.96 6.46 -6.75
O3S MES C . -3.58 8.86 -6.99
O1 MES D . 2.16 -25.45 3.20
C2 MES D . 3.00 -24.40 3.68
C3 MES D . 2.20 -23.29 4.37
N4 MES D . 1.14 -22.79 3.54
C5 MES D . 0.30 -23.84 3.05
C6 MES D . 1.11 -24.96 2.36
C7 MES D . 0.31 -21.84 4.36
C8 MES D . 1.03 -20.48 4.45
S MES D . 1.01 -19.88 6.17
O1S MES D . 2.17 -20.44 6.97
O2S MES D . -0.32 -20.22 6.81
O3S MES D . 1.28 -18.40 6.24
#